data_7T8G
#
_entry.id   7T8G
#
_cell.length_a   38.840
_cell.length_b   67.790
_cell.length_c   51.160
_cell.angle_alpha   90.000
_cell.angle_beta   106.290
_cell.angle_gamma   90.000
#
_symmetry.space_group_name_H-M   'P 1 21 1'
#
loop_
_entity.id
_entity.type
_entity.pdbx_description
1 polymer 'Superoxide dismutase [Cu-Zn]'
2 non-polymer 'ZINC ION'
3 non-polymer ~{N}-(pyridin-3-ylmethyl)-2-selanyl-benzamide
4 non-polymer 'ACETATE ION'
5 non-polymer 'SULFATE ION'
6 non-polymer 'SELENIUM ATOM'
7 water water
#
_entity_poly.entity_id   1
_entity_poly.type   'polypeptide(L)'
_entity_poly.pdbx_seq_one_letter_code
;ATKAVCVLKGDGPVQGIINFEQKESNGPVKVWGSIKGLTEGLHGFHVHEFGDNTAGCTSAGPHFNPLSRKHGGPKDEERH
VGDLGNVTADKDAVADVSIEDSVISLSGDHCIIGRTLVVHEKADDLGKGGNEESTKTGNAGSRLACGVIGIAQ
;
_entity_poly.pdbx_strand_id   A,F
#
# COMPACT_ATOMS: atom_id res chain seq x y z
N ALA A 1 -2.99 9.26 18.10
CA ALA A 1 -3.76 8.38 17.19
C ALA A 1 -2.88 7.92 16.03
N THR A 2 -3.27 6.80 15.42
CA THR A 2 -2.69 6.21 14.19
C THR A 2 -3.76 6.27 13.11
N LYS A 3 -3.37 6.60 11.88
CA LYS A 3 -4.30 6.73 10.75
C LYS A 3 -3.76 5.95 9.56
N ALA A 4 -4.68 5.39 8.79
CA ALA A 4 -4.34 4.69 7.54
C ALA A 4 -5.40 5.04 6.51
N VAL A 5 -5.10 4.75 5.25
CA VAL A 5 -5.98 5.15 4.13
C VAL A 5 -5.81 4.11 3.04
N CYS A 6 -6.86 3.94 2.25
CA CYS A 6 -6.85 3.00 1.14
C CYS A 6 -7.65 3.57 -0.01
N VAL A 7 -7.06 3.63 -1.18
CA VAL A 7 -7.76 3.99 -2.44
C VAL A 7 -8.18 2.68 -3.11
N LEU A 8 -9.50 2.48 -3.22
CA LEU A 8 -10.07 1.28 -3.90
C LEU A 8 -10.22 1.59 -5.38
N LYS A 9 -9.67 0.75 -6.24
CA LYS A 9 -9.84 0.93 -7.72
C LYS A 9 -10.10 -0.42 -8.35
N GLY A 10 -11.03 -0.39 -9.30
CA GLY A 10 -11.41 -1.52 -10.16
C GLY A 10 -12.32 -1.04 -11.27
N ASP A 11 -12.64 -1.97 -12.16
CA ASP A 11 -13.39 -1.72 -13.43
C ASP A 11 -14.83 -1.28 -13.09
N GLY A 12 -15.31 -0.30 -13.81
CA GLY A 12 -16.70 0.17 -13.64
C GLY A 12 -16.83 1.64 -14.11
N PRO A 13 -16.15 2.69 -13.52
CA PRO A 13 -15.21 2.50 -12.42
C PRO A 13 -15.87 2.22 -11.05
N VAL A 14 -15.45 1.17 -10.34
CA VAL A 14 -15.71 1.07 -8.86
C VAL A 14 -14.50 1.74 -8.20
N GLN A 15 -14.75 2.80 -7.45
CA GLN A 15 -13.69 3.72 -6.97
C GLN A 15 -14.10 4.17 -5.57
N GLY A 16 -13.18 4.13 -4.62
CA GLY A 16 -13.49 4.56 -3.27
C GLY A 16 -12.27 5.02 -2.52
N ILE A 17 -12.52 5.73 -1.45
CA ILE A 17 -11.49 6.15 -0.46
C ILE A 17 -12.00 5.71 0.90
N ILE A 18 -11.17 4.94 1.60
CA ILE A 18 -11.52 4.43 2.95
C ILE A 18 -10.42 4.86 3.92
N ASN A 19 -10.84 5.50 4.99
CA ASN A 19 -9.98 6.02 6.06
C ASN A 19 -10.09 5.11 7.28
N PHE A 20 -8.99 4.94 8.01
CA PHE A 20 -8.91 4.17 9.26
C PHE A 20 -8.29 5.08 10.31
N GLU A 21 -8.86 5.09 11.50
CA GLU A 21 -8.28 5.85 12.62
C GLU A 21 -8.38 5.01 13.88
N GLN A 22 -7.31 4.97 14.64
CA GLN A 22 -7.25 4.25 15.93
C GLN A 22 -6.66 5.21 16.96
N LYS A 23 -7.42 5.52 18.01
CA LYS A 23 -6.97 6.46 19.08
C LYS A 23 -5.85 5.84 19.90
N GLU A 24 -5.90 4.54 20.18
CA GLU A 24 -4.91 3.80 21.00
C GLU A 24 -4.83 2.34 20.51
N SER A 25 -3.69 1.69 20.67
CA SER A 25 -3.41 0.31 20.17
C SER A 25 -4.39 -0.69 20.79
N ASN A 26 -4.91 -0.40 21.99
CA ASN A 26 -5.88 -1.29 22.69
C ASN A 26 -7.32 -0.86 22.36
N GLY A 27 -7.51 0.04 21.40
CA GLY A 27 -8.83 0.61 21.09
C GLY A 27 -9.35 0.17 19.73
N PRO A 28 -10.64 0.46 19.47
CA PRO A 28 -11.25 0.15 18.18
C PRO A 28 -10.70 1.03 17.06
N VAL A 29 -10.88 0.54 15.83
CA VAL A 29 -10.51 1.27 14.59
C VAL A 29 -11.80 1.79 13.98
N LYS A 30 -11.89 3.09 13.75
CA LYS A 30 -13.00 3.72 12.98
C LYS A 30 -12.63 3.61 11.50
N VAL A 31 -13.56 3.14 10.68
CA VAL A 31 -13.37 2.94 9.23
C VAL A 31 -14.45 3.78 8.54
N TRP A 32 -14.10 4.73 7.71
CA TRP A 32 -15.13 5.56 7.05
C TRP A 32 -14.64 6.02 5.69
N GLY A 33 -15.60 6.32 4.83
CA GLY A 33 -15.34 6.90 3.51
C GLY A 33 -16.49 6.57 2.59
N SER A 34 -16.22 6.46 1.31
CA SER A 34 -17.29 6.34 0.29
CA SER A 34 -17.29 6.33 0.30
C SER A 34 -16.76 5.48 -0.86
N ILE A 35 -17.63 4.70 -1.46
CA ILE A 35 -17.28 3.88 -2.66
C ILE A 35 -18.36 4.14 -3.70
N LYS A 36 -17.98 4.48 -4.92
CA LYS A 36 -18.96 4.79 -5.99
C LYS A 36 -18.87 3.70 -7.07
N GLY A 37 -19.93 3.59 -7.87
CA GLY A 37 -19.99 2.64 -8.99
C GLY A 37 -20.45 1.25 -8.59
N LEU A 38 -21.01 1.08 -7.40
CA LEU A 38 -21.50 -0.25 -6.93
C LEU A 38 -22.96 -0.46 -7.33
N THR A 39 -23.33 -1.71 -7.58
CA THR A 39 -24.76 -2.11 -7.74
C THR A 39 -25.45 -1.95 -6.38
N GLU A 40 -26.73 -1.60 -6.41
CA GLU A 40 -27.52 -1.44 -5.17
C GLU A 40 -27.52 -2.76 -4.39
N GLY A 41 -27.26 -2.69 -3.09
CA GLY A 41 -27.29 -3.85 -2.19
C GLY A 41 -25.98 -4.04 -1.44
N LEU A 42 -25.78 -5.23 -0.90
CA LEU A 42 -24.65 -5.58 0.00
C LEU A 42 -23.45 -5.97 -0.86
N HIS A 43 -22.28 -5.55 -0.43
CA HIS A 43 -20.99 -5.94 -1.05
C HIS A 43 -20.02 -6.37 0.05
N GLY A 44 -19.49 -7.59 -0.05
CA GLY A 44 -18.50 -8.08 0.91
C GLY A 44 -17.32 -7.13 1.00
N PHE A 45 -16.81 -6.96 2.21
CA PHE A 45 -15.80 -5.92 2.51
C PHE A 45 -14.76 -6.57 3.41
N HIS A 46 -13.57 -6.82 2.86
CA HIS A 46 -12.58 -7.67 3.53
C HIS A 46 -11.19 -7.07 3.48
N VAL A 47 -10.42 -7.33 4.53
CA VAL A 47 -8.95 -7.20 4.45
C VAL A 47 -8.39 -8.55 4.03
N HIS A 48 -7.70 -8.57 2.90
CA HIS A 48 -7.01 -9.75 2.35
C HIS A 48 -5.54 -9.73 2.78
N GLU A 49 -4.90 -10.88 2.76
CA GLU A 49 -3.60 -11.12 3.42
C GLU A 49 -2.47 -10.32 2.78
N PHE A 50 -2.40 -10.23 1.46
CA PHE A 50 -1.22 -9.63 0.79
C PHE A 50 -1.57 -8.25 0.25
N GLY A 51 -0.69 -7.28 0.48
CA GLY A 51 -0.72 -5.95 -0.16
C GLY A 51 -0.09 -6.02 -1.53
N ASP A 52 -0.51 -7.01 -2.31
CA ASP A 52 0.10 -7.36 -3.61
C ASP A 52 -1.00 -7.16 -4.63
N ASN A 53 -0.90 -6.11 -5.42
CA ASN A 53 -1.90 -5.81 -6.48
C ASN A 53 -1.20 -5.94 -7.84
N THR A 54 -0.14 -6.73 -7.92
CA THR A 54 0.67 -6.84 -9.16
C THR A 54 -0.18 -7.38 -10.30
N ALA A 55 -1.12 -8.28 -10.03
CA ALA A 55 -2.04 -8.81 -11.07
C ALA A 55 -3.48 -8.34 -10.79
N GLY A 56 -3.63 -7.16 -10.20
CA GLY A 56 -4.90 -6.67 -9.67
C GLY A 56 -5.28 -7.39 -8.40
N CYS A 57 -6.57 -7.45 -8.10
CA CYS A 57 -7.08 -7.84 -6.76
C CYS A 57 -6.85 -9.33 -6.50
N THR A 58 -6.64 -10.15 -7.52
CA THR A 58 -6.42 -11.61 -7.32
C THR A 58 -5.12 -11.85 -6.53
N SER A 59 -4.08 -11.03 -6.73
CA SER A 59 -2.78 -11.26 -6.07
CA SER A 59 -2.77 -11.25 -6.07
C SER A 59 -2.87 -11.03 -4.55
N ALA A 60 -4.01 -10.49 -4.07
CA ALA A 60 -4.18 -10.15 -2.64
C ALA A 60 -4.34 -11.42 -1.78
N GLY A 61 -4.60 -12.59 -2.36
CA GLY A 61 -4.68 -13.83 -1.59
C GLY A 61 -5.94 -13.94 -0.75
N PRO A 62 -5.93 -14.80 0.28
CA PRO A 62 -7.12 -15.07 1.06
C PRO A 62 -7.39 -13.97 2.10
N HIS A 63 -8.45 -14.13 2.87
CA HIS A 63 -8.78 -13.19 3.96
C HIS A 63 -7.62 -13.14 4.94
N PHE A 64 -7.34 -11.97 5.45
CA PHE A 64 -6.30 -11.82 6.49
C PHE A 64 -6.77 -12.58 7.74
N ASN A 65 -6.02 -13.61 8.09
CA ASN A 65 -6.45 -14.58 9.12
C ASN A 65 -5.26 -14.98 10.00
N PRO A 66 -4.64 -14.02 10.72
CA PRO A 66 -3.46 -14.33 11.50
C PRO A 66 -3.72 -15.31 12.66
N LEU A 67 -4.97 -15.45 13.11
CA LEU A 67 -5.32 -16.31 14.28
C LEU A 67 -5.89 -17.66 13.81
N SER A 68 -5.83 -17.98 12.51
CA SER A 68 -6.24 -19.30 11.98
C SER A 68 -7.68 -19.65 12.42
N ARG A 69 -8.63 -18.73 12.26
CA ARG A 69 -10.06 -18.95 12.59
C ARG A 69 -10.85 -19.18 11.29
N LYS A 70 -12.14 -19.47 11.42
CA LYS A 70 -13.05 -19.58 10.26
C LYS A 70 -13.65 -18.21 9.95
N HIS A 71 -14.21 -18.09 8.77
CA HIS A 71 -14.88 -16.86 8.27
C HIS A 71 -16.14 -16.58 9.09
N GLY A 72 -16.37 -15.33 9.45
CA GLY A 72 -17.63 -14.89 10.06
C GLY A 72 -17.93 -13.44 9.72
N GLY A 73 -18.90 -12.87 10.43
CA GLY A 73 -19.26 -11.45 10.36
C GLY A 73 -18.44 -10.70 11.40
N PRO A 74 -18.35 -9.36 11.27
CA PRO A 74 -17.54 -8.56 12.19
C PRO A 74 -18.00 -8.66 13.65
N LYS A 75 -19.26 -9.00 13.90
CA LYS A 75 -19.82 -9.08 15.28
C LYS A 75 -19.56 -10.47 15.88
N ASP A 76 -19.04 -11.41 15.10
CA ASP A 76 -18.82 -12.81 15.57
C ASP A 76 -17.46 -12.91 16.27
N GLU A 77 -17.39 -13.75 17.31
CA GLU A 77 -16.10 -14.13 17.94
C GLU A 77 -15.30 -14.96 16.93
N GLU A 78 -15.99 -15.89 16.26
CA GLU A 78 -15.35 -16.76 15.23
C GLU A 78 -15.37 -15.98 13.91
N ARG A 79 -14.26 -15.31 13.61
CA ARG A 79 -14.09 -14.53 12.36
C ARG A 79 -12.62 -14.48 12.05
N HIS A 80 -12.30 -14.17 10.79
CA HIS A 80 -10.96 -13.74 10.38
C HIS A 80 -10.77 -12.30 10.86
N VAL A 81 -9.54 -11.89 11.11
CA VAL A 81 -9.30 -10.46 11.41
C VAL A 81 -9.85 -9.60 10.26
N GLY A 82 -9.67 -10.05 9.02
CA GLY A 82 -10.07 -9.24 7.85
C GLY A 82 -11.57 -9.20 7.58
N ASP A 83 -12.40 -9.82 8.44
CA ASP A 83 -13.85 -9.97 8.13
C ASP A 83 -14.61 -8.71 8.57
N LEU A 84 -14.77 -7.75 7.67
CA LEU A 84 -15.47 -6.47 7.99
C LEU A 84 -16.91 -6.49 7.45
N GLY A 85 -17.40 -7.65 7.05
CA GLY A 85 -18.83 -7.83 6.74
C GLY A 85 -19.18 -7.29 5.37
N ASN A 86 -20.15 -6.39 5.30
CA ASN A 86 -20.65 -5.81 4.03
C ASN A 86 -20.72 -4.29 4.12
N VAL A 87 -20.58 -3.65 2.98
CA VAL A 87 -20.97 -2.24 2.77
C VAL A 87 -22.24 -2.27 1.92
N THR A 88 -23.05 -1.23 2.03
CA THR A 88 -24.36 -1.16 1.33
C THR A 88 -24.35 0.03 0.37
N ALA A 89 -24.60 -0.25 -0.90
CA ALA A 89 -24.78 0.76 -1.95
C ALA A 89 -26.27 0.99 -2.12
N ASP A 90 -26.64 2.26 -2.31
CA ASP A 90 -28.05 2.66 -2.55
C ASP A 90 -28.24 2.72 -4.08
N LYS A 91 -29.40 3.17 -4.53
CA LYS A 91 -29.71 3.29 -5.99
C LYS A 91 -28.74 4.24 -6.68
N ASP A 92 -28.15 5.19 -5.95
CA ASP A 92 -27.18 6.20 -6.46
C ASP A 92 -25.82 5.53 -6.77
N ALA A 93 -25.67 4.23 -6.49
CA ALA A 93 -24.47 3.41 -6.75
C ALA A 93 -23.34 3.78 -5.77
N VAL A 94 -23.69 4.45 -4.67
CA VAL A 94 -22.72 4.91 -3.64
C VAL A 94 -22.96 4.13 -2.34
N ALA A 95 -21.88 3.60 -1.77
CA ALA A 95 -21.81 3.06 -0.40
C ALA A 95 -21.10 4.08 0.49
N ASP A 96 -21.80 4.63 1.48
CA ASP A 96 -21.21 5.48 2.54
C ASP A 96 -20.80 4.50 3.64
N VAL A 97 -19.50 4.43 3.91
CA VAL A 97 -18.94 3.41 4.82
C VAL A 97 -18.75 4.06 6.18
N SER A 98 -19.27 3.41 7.21
CA SER A 98 -19.13 3.85 8.61
C SER A 98 -19.11 2.59 9.47
N ILE A 99 -17.93 2.22 9.92
CA ILE A 99 -17.69 0.96 10.67
C ILE A 99 -16.85 1.34 11.89
N GLU A 100 -17.11 0.71 13.02
CA GLU A 100 -16.14 0.64 14.14
C GLU A 100 -15.81 -0.83 14.36
N ASP A 101 -14.54 -1.19 14.41
CA ASP A 101 -14.17 -2.61 14.59
C ASP A 101 -13.11 -2.75 15.68
N SER A 102 -13.24 -3.74 16.54
CA SER A 102 -12.35 -3.97 17.70
C SER A 102 -11.32 -5.08 17.40
N VAL A 103 -11.38 -5.71 16.23
CA VAL A 103 -10.51 -6.88 15.94
C VAL A 103 -9.37 -6.46 15.00
N ILE A 104 -9.68 -5.71 13.93
CA ILE A 104 -8.59 -5.10 13.13
C ILE A 104 -7.83 -4.13 14.05
N SER A 105 -6.61 -3.80 13.67
CA SER A 105 -5.78 -2.84 14.41
C SER A 105 -4.87 -2.13 13.41
N LEU A 106 -4.33 -1.01 13.83
CA LEU A 106 -3.21 -0.32 13.12
C LEU A 106 -1.91 -0.47 13.91
N SER A 107 -1.80 -1.48 14.79
CA SER A 107 -0.58 -1.86 15.54
C SER A 107 -0.57 -3.37 15.79
N GLY A 108 0.62 -3.97 15.93
CA GLY A 108 0.77 -5.37 16.37
C GLY A 108 0.40 -6.38 15.29
N ASP A 109 0.25 -7.65 15.64
CA ASP A 109 0.11 -8.70 14.60
C ASP A 109 -1.33 -8.75 14.05
N HIS A 110 -2.27 -7.96 14.57
CA HIS A 110 -3.58 -7.77 13.92
C HIS A 110 -3.54 -6.55 12.99
N CYS A 111 -2.37 -5.95 12.78
CA CYS A 111 -2.28 -4.69 12.02
C CYS A 111 -2.62 -4.96 10.55
N ILE A 112 -3.40 -4.07 9.95
CA ILE A 112 -3.86 -4.26 8.54
C ILE A 112 -3.06 -3.38 7.58
N ILE A 113 -2.13 -2.57 8.08
CA ILE A 113 -1.28 -1.73 7.20
C ILE A 113 -0.46 -2.67 6.30
N GLY A 114 -0.41 -2.35 5.01
CA GLY A 114 0.35 -3.14 4.04
C GLY A 114 -0.43 -4.32 3.52
N ARG A 115 -1.68 -4.48 3.92
CA ARG A 115 -2.57 -5.54 3.42
C ARG A 115 -3.52 -4.89 2.41
N THR A 116 -4.41 -5.67 1.81
CA THR A 116 -5.31 -5.16 0.76
C THR A 116 -6.74 -5.10 1.28
N LEU A 117 -7.40 -3.97 1.06
CA LEU A 117 -8.85 -3.87 1.27
C LEU A 117 -9.55 -4.21 -0.03
N VAL A 118 -10.56 -5.06 0.02
CA VAL A 118 -11.29 -5.51 -1.19
C VAL A 118 -12.78 -5.29 -0.97
N VAL A 119 -13.44 -4.73 -1.97
CA VAL A 119 -14.93 -4.72 -2.03
C VAL A 119 -15.38 -5.70 -3.11
N HIS A 120 -16.36 -6.52 -2.78
CA HIS A 120 -16.77 -7.71 -3.60
C HIS A 120 -18.06 -7.44 -4.37
N GLU A 121 -18.28 -8.30 -5.35
CA GLU A 121 -19.44 -8.29 -6.29
C GLU A 121 -20.75 -8.49 -5.54
N LYS A 122 -20.75 -9.43 -4.58
CA LYS A 122 -21.98 -9.93 -3.93
C LYS A 122 -21.88 -9.73 -2.41
N ALA A 123 -22.95 -10.06 -1.71
CA ALA A 123 -23.00 -10.03 -0.24
C ALA A 123 -22.09 -11.12 0.33
N ASP A 124 -21.36 -10.77 1.38
CA ASP A 124 -20.75 -11.75 2.31
C ASP A 124 -21.88 -12.32 3.18
N ASP A 125 -22.04 -13.64 3.19
CA ASP A 125 -23.14 -14.28 3.95
C ASP A 125 -22.75 -14.40 5.43
N LEU A 126 -21.60 -13.84 5.82
CA LEU A 126 -21.12 -13.74 7.22
C LEU A 126 -20.97 -15.13 7.82
N GLY A 127 -20.68 -16.15 6.99
CA GLY A 127 -20.49 -17.55 7.42
C GLY A 127 -21.81 -18.25 7.73
N LYS A 128 -22.96 -17.64 7.42
CA LYS A 128 -24.28 -18.21 7.76
C LYS A 128 -24.94 -18.73 6.47
N GLY A 129 -24.16 -18.99 5.42
CA GLY A 129 -24.67 -19.38 4.08
C GLY A 129 -24.96 -20.87 4.00
N GLY A 130 -24.29 -21.68 4.81
CA GLY A 130 -24.65 -23.10 5.01
C GLY A 130 -24.00 -24.04 4.02
N ASN A 131 -23.29 -23.53 3.00
CA ASN A 131 -22.36 -24.35 2.20
C ASN A 131 -20.95 -24.21 2.79
N GLU A 132 -19.97 -24.93 2.26
CA GLU A 132 -18.65 -24.92 2.90
C GLU A 132 -17.97 -23.58 2.66
N GLU A 133 -18.09 -23.08 1.45
CA GLU A 133 -17.40 -21.82 1.07
C GLU A 133 -17.80 -20.70 2.06
N SER A 134 -18.95 -20.78 2.73
CA SER A 134 -19.40 -19.71 3.64
C SER A 134 -18.39 -19.53 4.77
N THR A 135 -17.86 -20.66 5.26
CA THR A 135 -16.92 -20.67 6.41
C THR A 135 -15.51 -20.27 5.98
N LYS A 136 -15.26 -19.99 4.69
CA LYS A 136 -13.92 -19.62 4.17
C LYS A 136 -13.94 -18.21 3.57
N THR A 137 -14.84 -17.95 2.62
CA THR A 137 -14.88 -16.66 1.88
C THR A 137 -16.18 -15.89 2.15
N GLY A 138 -17.25 -16.55 2.59
CA GLY A 138 -18.57 -15.91 2.76
C GLY A 138 -19.30 -15.74 1.42
N ASN A 139 -18.77 -16.33 0.35
CA ASN A 139 -19.48 -16.41 -0.97
C ASN A 139 -19.76 -15.02 -1.54
N ALA A 140 -18.84 -14.06 -1.38
CA ALA A 140 -19.07 -12.66 -1.81
C ALA A 140 -18.64 -12.43 -3.28
N GLY A 141 -18.22 -13.48 -3.99
CA GLY A 141 -18.02 -13.39 -5.44
C GLY A 141 -16.78 -12.58 -5.80
N SER A 142 -16.78 -11.99 -7.00
CA SER A 142 -15.55 -11.44 -7.61
C SER A 142 -15.09 -10.20 -6.81
N ARG A 143 -13.83 -9.85 -6.99
CA ARG A 143 -13.21 -8.66 -6.36
C ARG A 143 -13.42 -7.47 -7.29
N LEU A 144 -14.28 -6.54 -6.91
CA LEU A 144 -14.62 -5.40 -7.82
C LEU A 144 -13.52 -4.32 -7.76
N ALA A 145 -12.95 -4.09 -6.59
CA ALA A 145 -11.99 -2.99 -6.39
C ALA A 145 -11.15 -3.33 -5.19
N CYS A 146 -9.94 -2.85 -5.18
CA CYS A 146 -9.03 -3.09 -4.04
C CYS A 146 -7.98 -2.00 -4.01
N GLY A 147 -7.27 -1.95 -2.90
CA GLY A 147 -6.09 -1.08 -2.76
C GLY A 147 -5.29 -1.51 -1.57
N VAL A 148 -4.05 -1.10 -1.52
CA VAL A 148 -3.15 -1.43 -0.40
C VAL A 148 -3.43 -0.39 0.70
N ILE A 149 -3.49 -0.85 1.93
CA ILE A 149 -3.77 0.01 3.10
C ILE A 149 -2.46 0.68 3.50
N GLY A 150 -2.40 2.00 3.40
CA GLY A 150 -1.17 2.75 3.65
C GLY A 150 -1.24 3.61 4.90
N ILE A 151 -0.08 3.97 5.40
CA ILE A 151 0.05 4.90 6.56
C ILE A 151 -0.39 6.29 6.12
N ALA A 152 -1.25 6.92 6.90
CA ALA A 152 -1.72 8.29 6.61
C ALA A 152 -1.15 9.30 7.60
N GLN A 153 -1.22 10.56 7.22
CA GLN A 153 -0.68 11.68 8.02
C GLN A 153 -1.52 11.86 9.28
N ALA B 1 12.15 -14.86 6.57
CA ALA B 1 12.36 -13.92 5.42
C ALA B 1 11.08 -13.12 5.19
N THR B 2 11.21 -11.82 4.89
CA THR B 2 10.08 -10.87 4.69
C THR B 2 10.13 -10.40 3.24
N LYS B 3 8.97 -10.31 2.60
CA LYS B 3 8.88 -9.83 1.20
C LYS B 3 7.81 -8.77 1.11
N ALA B 4 8.03 -7.79 0.24
CA ALA B 4 7.06 -6.72 -0.03
C ALA B 4 7.06 -6.44 -1.52
N VAL B 5 6.05 -5.73 -1.97
CA VAL B 5 5.87 -5.49 -3.42
C VAL B 5 5.17 -4.16 -3.59
N CYS B 6 5.41 -3.53 -4.72
CA CYS B 6 4.83 -2.23 -5.04
C CYS B 6 4.55 -2.17 -6.52
N VAL B 7 3.31 -1.85 -6.86
CA VAL B 7 2.91 -1.55 -8.25
C VAL B 7 2.98 -0.03 -8.44
N LEU B 8 3.85 0.42 -9.34
CA LEU B 8 3.98 1.84 -9.68
C LEU B 8 3.02 2.19 -10.81
N LYS B 9 2.17 3.18 -10.60
CA LYS B 9 1.24 3.70 -11.63
C LYS B 9 1.15 5.21 -11.44
N GLY B 10 0.85 5.95 -12.51
CA GLY B 10 0.62 7.40 -12.41
C GLY B 10 -0.33 7.90 -13.47
N ASP B 11 -0.28 9.21 -13.73
CA ASP B 11 -1.17 9.88 -14.70
C ASP B 11 -0.74 9.55 -16.13
N GLY B 12 0.55 9.28 -16.36
CA GLY B 12 1.09 9.05 -17.71
C GLY B 12 1.38 7.57 -17.99
N PRO B 13 2.32 7.28 -18.91
CA PRO B 13 2.59 5.92 -19.35
C PRO B 13 3.62 5.17 -18.48
N VAL B 14 4.13 5.79 -17.42
CA VAL B 14 5.16 5.15 -16.55
C VAL B 14 4.45 4.15 -15.64
N GLN B 15 4.86 2.89 -15.71
CA GLN B 15 4.33 1.85 -14.81
C GLN B 15 5.43 0.85 -14.52
N GLY B 16 5.34 0.23 -13.36
CA GLY B 16 6.39 -0.69 -12.92
C GLY B 16 5.95 -1.61 -11.81
N ILE B 17 6.78 -2.58 -11.56
CA ILE B 17 6.62 -3.58 -10.46
C ILE B 17 7.96 -3.65 -9.75
N ILE B 18 7.94 -3.42 -8.43
CA ILE B 18 9.18 -3.47 -7.62
C ILE B 18 8.98 -4.43 -6.46
N ASN B 19 9.92 -5.35 -6.29
CA ASN B 19 9.93 -6.37 -5.23
C ASN B 19 10.99 -6.02 -4.19
N PHE B 20 10.70 -6.32 -2.95
CA PHE B 20 11.62 -6.14 -1.81
C PHE B 20 11.74 -7.49 -1.10
N GLU B 21 12.95 -7.84 -0.72
CA GLU B 21 13.16 -9.08 0.06
C GLU B 21 14.20 -8.81 1.13
N GLN B 22 13.94 -9.27 2.34
CA GLN B 22 14.87 -9.10 3.49
C GLN B 22 14.97 -10.45 4.21
N LYS B 23 16.17 -11.02 4.28
CA LYS B 23 16.39 -12.35 4.92
C LYS B 23 16.21 -12.24 6.44
N GLU B 24 16.66 -11.15 7.06
CA GLU B 24 16.62 -10.93 8.53
C GLU B 24 16.36 -9.45 8.81
N SER B 25 15.70 -9.14 9.95
CA SER B 25 15.25 -7.77 10.30
C SER B 25 16.45 -6.82 10.42
N ASN B 26 17.64 -7.34 10.75
CA ASN B 26 18.87 -6.52 10.90
C ASN B 26 19.66 -6.52 9.58
N GLY B 27 19.10 -7.11 8.50
CA GLY B 27 19.85 -7.38 7.27
C GLY B 27 19.47 -6.44 6.12
N PRO B 28 20.25 -6.43 5.03
CA PRO B 28 19.94 -5.61 3.87
C PRO B 28 18.67 -6.08 3.15
N VAL B 29 18.06 -5.15 2.44
CA VAL B 29 16.84 -5.37 1.64
C VAL B 29 17.29 -5.37 0.18
N LYS B 30 16.98 -6.44 -0.53
CA LYS B 30 17.15 -6.53 -2.00
C LYS B 30 15.92 -5.92 -2.65
N VAL B 31 16.11 -5.01 -3.59
CA VAL B 31 15.03 -4.31 -4.32
C VAL B 31 15.22 -4.65 -5.80
N TRP B 32 14.21 -5.24 -6.43
CA TRP B 32 14.37 -5.63 -7.85
C TRP B 32 13.04 -5.51 -8.59
N GLY B 33 13.10 -5.28 -9.89
CA GLY B 33 11.92 -5.25 -10.75
C GLY B 33 12.19 -4.46 -11.98
N SER B 34 11.17 -3.87 -12.56
CA SER B 34 11.25 -3.21 -13.88
CA SER B 34 11.30 -3.16 -13.84
C SER B 34 10.29 -2.02 -13.89
N ILE B 35 10.66 -0.96 -14.60
CA ILE B 35 9.78 0.22 -14.79
C ILE B 35 9.82 0.57 -16.27
N LYS B 36 8.66 0.74 -16.89
CA LYS B 36 8.61 1.07 -18.34
C LYS B 36 8.07 2.48 -18.54
N GLY B 37 8.35 3.07 -19.70
CA GLY B 37 7.80 4.36 -20.12
C GLY B 37 8.66 5.53 -19.67
N LEU B 38 9.87 5.27 -19.20
CA LEU B 38 10.78 6.33 -18.69
C LEU B 38 11.62 6.91 -19.84
N THR B 39 11.92 8.20 -19.78
CA THR B 39 12.95 8.82 -20.65
C THR B 39 14.33 8.25 -20.31
N GLU B 40 15.21 8.13 -21.30
CA GLU B 40 16.59 7.67 -21.10
C GLU B 40 17.28 8.55 -20.05
N GLY B 41 17.92 7.91 -19.08
CA GLY B 41 18.72 8.61 -18.06
C GLY B 41 18.29 8.23 -16.67
N LEU B 42 18.65 9.05 -15.71
CA LEU B 42 18.47 8.80 -14.27
C LEU B 42 17.08 9.30 -13.87
N HIS B 43 16.43 8.57 -13.00
CA HIS B 43 15.13 8.95 -12.41
C HIS B 43 15.18 8.76 -10.90
N GLY B 44 14.92 9.83 -10.15
CA GLY B 44 14.92 9.73 -8.68
C GLY B 44 13.98 8.63 -8.21
N PHE B 45 14.39 7.93 -7.16
CA PHE B 45 13.71 6.71 -6.68
C PHE B 45 13.66 6.78 -5.17
N HIS B 46 12.48 7.03 -4.63
CA HIS B 46 12.35 7.39 -3.20
C HIS B 46 11.20 6.66 -2.53
N VAL B 47 11.39 6.36 -1.26
CA VAL B 47 10.27 6.02 -0.37
C VAL B 47 9.81 7.32 0.28
N HIS B 48 8.56 7.68 0.03
CA HIS B 48 7.91 8.86 0.61
C HIS B 48 7.13 8.42 1.85
N GLU B 49 6.83 9.36 2.72
CA GLU B 49 6.40 9.06 4.11
C GLU B 49 5.03 8.36 4.16
N PHE B 50 4.07 8.81 3.39
CA PHE B 50 2.68 8.32 3.55
C PHE B 50 2.30 7.36 2.43
N GLY B 51 1.60 6.30 2.79
CA GLY B 51 1.00 5.37 1.82
C GLY B 51 -0.36 5.88 1.41
N ASP B 52 -0.42 7.15 1.02
CA ASP B 52 -1.67 7.88 0.74
C ASP B 52 -1.63 8.25 -0.73
N ASN B 53 -2.47 7.63 -1.52
CA ASN B 53 -2.57 7.91 -2.98
C ASN B 53 -3.93 8.57 -3.29
N THR B 54 -4.56 9.20 -2.29
CA THR B 54 -5.93 9.77 -2.45
C THR B 54 -5.98 10.76 -3.62
N ALA B 55 -4.95 11.57 -3.76
CA ALA B 55 -4.93 12.52 -4.89
C ALA B 55 -3.74 12.23 -5.79
N GLY B 56 -3.43 10.96 -5.92
CA GLY B 56 -2.26 10.60 -6.70
C GLY B 56 -0.99 10.68 -5.89
N CYS B 57 0.13 10.75 -6.59
CA CYS B 57 1.47 10.66 -5.95
C CYS B 57 1.76 11.85 -5.03
N THR B 58 1.09 12.99 -5.21
CA THR B 58 1.30 14.18 -4.34
C THR B 58 0.94 13.86 -2.88
N SER B 59 -0.09 13.06 -2.63
N SER B 59 -0.08 13.03 -2.67
CA SER B 59 -0.55 12.79 -1.24
CA SER B 59 -0.61 12.69 -1.33
C SER B 59 0.48 11.96 -0.46
C SER B 59 0.45 11.95 -0.49
N ALA B 60 1.52 11.45 -1.12
CA ALA B 60 2.55 10.63 -0.44
C ALA B 60 3.42 11.46 0.49
N GLY B 61 3.40 12.78 0.40
CA GLY B 61 4.14 13.64 1.33
C GLY B 61 5.63 13.65 1.00
N PRO B 62 6.45 14.04 1.99
CA PRO B 62 7.88 14.21 1.78
C PRO B 62 8.62 12.87 1.82
N HIS B 63 9.94 12.91 1.65
CA HIS B 63 10.79 11.70 1.72
C HIS B 63 10.62 11.09 3.11
N PHE B 64 10.60 9.78 3.18
CA PHE B 64 10.53 9.10 4.49
C PHE B 64 11.83 9.40 5.26
N ASN B 65 11.72 10.13 6.36
CA ASN B 65 12.88 10.72 7.06
C ASN B 65 12.68 10.62 8.56
N PRO B 66 12.54 9.42 9.13
CA PRO B 66 12.23 9.29 10.56
C PRO B 66 13.38 9.79 11.45
N LEU B 67 14.60 9.89 10.93
CA LEU B 67 15.81 10.28 11.72
C LEU B 67 16.18 11.74 11.48
N SER B 68 15.34 12.52 10.80
CA SER B 68 15.51 13.99 10.66
C SER B 68 16.89 14.32 10.10
N ARG B 69 17.27 13.69 9.00
CA ARG B 69 18.56 13.94 8.31
C ARG B 69 18.30 14.79 7.07
N LYS B 70 19.37 15.20 6.40
CA LYS B 70 19.29 15.85 5.08
C LYS B 70 19.24 14.79 3.98
N HIS B 71 18.81 15.23 2.82
CA HIS B 71 18.70 14.37 1.62
C HIS B 71 20.10 13.96 1.15
N GLY B 72 20.27 12.70 0.79
CA GLY B 72 21.52 12.26 0.17
C GLY B 72 21.29 11.09 -0.75
N GLY B 73 22.38 10.44 -1.15
CA GLY B 73 22.34 9.20 -1.95
C GLY B 73 22.33 8.00 -1.01
N PRO B 74 21.97 6.81 -1.52
CA PRO B 74 21.86 5.62 -0.69
C PRO B 74 23.18 5.19 -0.06
N LYS B 75 24.32 5.59 -0.62
CA LYS B 75 25.65 5.19 -0.09
C LYS B 75 26.16 6.25 0.89
N ASP B 76 25.37 7.29 1.17
CA ASP B 76 25.79 8.36 2.12
C ASP B 76 25.29 8.05 3.53
N GLU B 77 26.03 8.45 4.55
CA GLU B 77 25.54 8.40 5.95
CA GLU B 77 25.57 8.42 5.96
C GLU B 77 24.44 9.45 6.11
N GLU B 78 24.67 10.64 5.55
CA GLU B 78 23.68 11.75 5.59
CA GLU B 78 23.69 11.76 5.58
C GLU B 78 22.67 11.49 4.47
N ARG B 79 21.58 10.84 4.81
CA ARG B 79 20.49 10.53 3.84
C ARG B 79 19.20 10.37 4.64
N HIS B 80 18.09 10.52 3.96
CA HIS B 80 16.77 10.09 4.46
C HIS B 80 16.71 8.56 4.38
N VAL B 81 15.94 7.91 5.24
CA VAL B 81 15.72 6.46 5.08
C VAL B 81 15.19 6.17 3.67
N GLY B 82 14.31 7.01 3.14
CA GLY B 82 13.68 6.76 1.84
C GLY B 82 14.57 7.06 0.65
N ASP B 83 15.83 7.44 0.82
CA ASP B 83 16.70 7.87 -0.30
C ASP B 83 17.34 6.67 -0.99
N LEU B 84 16.70 6.16 -2.04
CA LEU B 84 17.21 5.01 -2.81
C LEU B 84 17.89 5.45 -4.10
N GLY B 85 18.17 6.74 -4.26
CA GLY B 85 19.03 7.22 -5.35
C GLY B 85 18.26 7.33 -6.64
N ASN B 86 18.80 6.71 -7.70
CA ASN B 86 18.20 6.76 -9.04
C ASN B 86 18.06 5.36 -9.61
N VAL B 87 17.05 5.20 -10.47
CA VAL B 87 16.98 4.09 -11.43
C VAL B 87 17.38 4.66 -12.80
N THR B 88 17.87 3.80 -13.67
CA THR B 88 18.41 4.22 -15.00
C THR B 88 17.58 3.55 -16.08
N ALA B 89 17.03 4.36 -16.96
CA ALA B 89 16.32 3.90 -18.17
C ALA B 89 17.28 4.04 -19.34
N ASP B 90 17.27 3.06 -20.23
CA ASP B 90 18.02 3.10 -21.51
C ASP B 90 17.11 3.71 -22.58
N LYS B 91 17.56 3.70 -23.83
CA LYS B 91 16.78 4.27 -24.97
C LYS B 91 15.46 3.51 -25.15
N ASP B 92 15.40 2.25 -24.70
CA ASP B 92 14.21 1.36 -24.76
C ASP B 92 13.11 1.82 -23.79
N ALA B 93 13.36 2.85 -22.98
CA ALA B 93 12.41 3.46 -22.01
C ALA B 93 12.18 2.54 -20.81
N VAL B 94 13.05 1.56 -20.62
CA VAL B 94 12.91 0.56 -19.52
C VAL B 94 14.08 0.74 -18.54
N ALA B 95 13.76 0.80 -17.25
CA ALA B 95 14.71 0.67 -16.14
C ALA B 95 14.60 -0.75 -15.55
N ASP B 96 15.69 -1.51 -15.58
CA ASP B 96 15.82 -2.79 -14.84
C ASP B 96 16.40 -2.42 -13.48
N VAL B 97 15.65 -2.66 -12.40
CA VAL B 97 16.01 -2.15 -11.05
C VAL B 97 16.66 -3.30 -10.30
N SER B 98 17.82 -3.04 -9.75
CA SER B 98 18.57 -4.00 -8.92
C SER B 98 19.35 -3.19 -7.88
N ILE B 99 18.87 -3.20 -6.65
CA ILE B 99 19.42 -2.37 -5.54
C ILE B 99 19.58 -3.29 -4.34
N GLU B 100 20.63 -3.10 -3.55
CA GLU B 100 20.70 -3.64 -2.17
C GLU B 100 20.85 -2.43 -1.24
N ASP B 101 20.03 -2.36 -0.20
CA ASP B 101 20.08 -1.21 0.73
C ASP B 101 20.06 -1.70 2.17
N SER B 102 20.90 -1.11 3.02
CA SER B 102 21.05 -1.50 4.45
C SER B 102 20.29 -0.55 5.38
N VAL B 103 19.66 0.51 4.86
CA VAL B 103 19.00 1.54 5.72
C VAL B 103 17.48 1.33 5.74
N ILE B 104 16.87 1.10 4.60
CA ILE B 104 15.43 0.69 4.58
C ILE B 104 15.32 -0.66 5.29
N SER B 105 14.12 -0.95 5.77
CA SER B 105 13.82 -2.26 6.37
C SER B 105 12.38 -2.64 6.06
N LEU B 106 12.09 -3.93 6.12
CA LEU B 106 10.70 -4.43 6.03
C LEU B 106 10.21 -4.89 7.39
N SER B 107 11.06 -4.89 8.42
CA SER B 107 10.65 -5.28 9.79
CA SER B 107 10.64 -5.28 9.79
C SER B 107 11.52 -4.58 10.83
N GLY B 108 11.10 -4.65 12.08
CA GLY B 108 11.82 -4.05 13.22
C GLY B 108 11.50 -2.58 13.30
N ASP B 109 12.33 -1.75 12.65
CA ASP B 109 12.29 -0.27 12.72
C ASP B 109 12.60 0.28 11.33
N HIS B 110 12.24 1.54 11.06
CA HIS B 110 12.52 2.20 9.77
C HIS B 110 11.83 1.43 8.63
N CYS B 111 10.57 1.02 8.85
CA CYS B 111 9.99 0.01 7.98
CA CYS B 111 9.94 -0.01 8.04
C CYS B 111 9.25 0.80 6.95
N ILE B 112 9.32 0.29 5.71
CA ILE B 112 8.76 1.01 4.57
C ILE B 112 7.42 0.41 4.16
N ILE B 113 6.98 -0.67 4.79
CA ILE B 113 5.65 -1.26 4.52
C ILE B 113 4.61 -0.17 4.80
N GLY B 114 3.66 0.02 3.89
CA GLY B 114 2.56 1.00 4.06
C GLY B 114 2.99 2.40 3.68
N ARG B 115 4.20 2.57 3.17
CA ARG B 115 4.69 3.88 2.65
C ARG B 115 4.63 3.84 1.15
N THR B 116 5.01 4.90 0.47
CA THR B 116 4.84 5.01 -0.99
C THR B 116 6.21 5.02 -1.66
N LEU B 117 6.39 4.17 -2.66
CA LEU B 117 7.56 4.23 -3.55
C LEU B 117 7.22 5.14 -4.73
N VAL B 118 8.11 6.06 -5.07
CA VAL B 118 7.90 7.04 -6.16
C VAL B 118 9.09 7.00 -7.11
N VAL B 119 8.80 7.00 -8.41
CA VAL B 119 9.83 7.24 -9.44
C VAL B 119 9.56 8.61 -10.06
N HIS B 120 10.64 9.39 -10.20
CA HIS B 120 10.59 10.83 -10.53
C HIS B 120 10.95 11.09 -12.00
N GLU B 121 10.57 12.29 -12.43
CA GLU B 121 10.78 12.85 -13.79
C GLU B 121 12.28 12.96 -14.11
N LYS B 122 13.06 13.43 -13.14
CA LYS B 122 14.47 13.83 -13.37
C LYS B 122 15.40 13.07 -12.42
N ALA B 123 16.70 13.27 -12.59
CA ALA B 123 17.74 12.67 -11.74
C ALA B 123 17.64 13.28 -10.34
N ASP B 124 17.77 12.44 -9.34
CA ASP B 124 18.07 12.87 -7.96
C ASP B 124 19.57 13.22 -7.96
N ASP B 125 19.91 14.44 -7.54
CA ASP B 125 21.33 14.89 -7.56
C ASP B 125 22.04 14.40 -6.29
N LEU B 126 21.36 13.59 -5.46
CA LEU B 126 21.94 12.92 -4.27
C LEU B 126 22.49 13.95 -3.27
N GLY B 127 21.93 15.16 -3.27
CA GLY B 127 22.36 16.27 -2.40
C GLY B 127 23.60 16.99 -2.91
N LYS B 128 23.99 16.79 -4.16
CA LYS B 128 25.24 17.38 -4.75
C LYS B 128 24.83 18.25 -5.94
N GLY B 129 23.76 19.03 -5.77
CA GLY B 129 23.21 19.84 -6.87
C GLY B 129 23.67 21.28 -6.84
N GLY B 130 24.07 21.76 -5.67
CA GLY B 130 24.60 23.12 -5.48
C GLY B 130 23.51 24.15 -5.17
N ASN B 131 22.35 23.72 -4.68
CA ASN B 131 21.28 24.65 -4.20
C ASN B 131 20.63 24.05 -2.96
N GLU B 132 19.76 24.81 -2.31
CA GLU B 132 19.10 24.41 -1.04
C GLU B 132 18.23 23.18 -1.29
N GLU B 133 17.51 23.16 -2.40
CA GLU B 133 16.54 22.06 -2.71
C GLU B 133 17.31 20.74 -2.81
N SER B 134 18.58 20.77 -3.20
CA SER B 134 19.40 19.54 -3.35
C SER B 134 19.41 18.75 -2.04
N THR B 135 19.54 19.45 -0.90
CA THR B 135 19.68 18.87 0.46
C THR B 135 18.31 18.47 1.02
N LYS B 136 17.22 18.70 0.28
CA LYS B 136 15.83 18.39 0.73
C LYS B 136 15.19 17.32 -0.16
N THR B 137 15.16 17.51 -1.48
CA THR B 137 14.44 16.62 -2.42
C THR B 137 15.40 16.01 -3.44
N GLY B 138 16.57 16.62 -3.65
CA GLY B 138 17.51 16.16 -4.69
C GLY B 138 17.12 16.66 -6.06
N ASN B 139 16.12 17.54 -6.16
CA ASN B 139 15.75 18.21 -7.42
C ASN B 139 15.33 17.19 -8.49
N ALA B 140 14.63 16.12 -8.11
CA ALA B 140 14.25 15.03 -9.05
C ALA B 140 12.91 15.34 -9.75
N GLY B 141 12.27 16.49 -9.50
CA GLY B 141 11.12 16.92 -10.31
C GLY B 141 9.88 16.10 -10.02
N SER B 142 8.99 16.03 -11.01
CA SER B 142 7.59 15.55 -10.78
C SER B 142 7.60 14.06 -10.45
N ARG B 143 6.51 13.62 -9.84
CA ARG B 143 6.30 12.20 -9.47
C ARG B 143 5.61 11.52 -10.65
N LEU B 144 6.32 10.66 -11.38
CA LEU B 144 5.76 10.06 -12.60
C LEU B 144 4.84 8.88 -12.23
N ALA B 145 5.21 8.10 -11.24
CA ALA B 145 4.44 6.90 -10.88
C ALA B 145 4.75 6.56 -9.43
N CYS B 146 3.80 5.95 -8.76
CA CYS B 146 3.98 5.59 -7.35
C CYS B 146 3.07 4.44 -6.98
N GLY B 147 3.32 3.85 -5.84
CA GLY B 147 2.44 2.83 -5.29
C GLY B 147 2.70 2.63 -3.82
N VAL B 148 1.75 2.05 -3.12
CA VAL B 148 1.91 1.72 -1.68
C VAL B 148 2.67 0.41 -1.61
N ILE B 149 3.63 0.34 -0.70
CA ILE B 149 4.47 -0.87 -0.49
C ILE B 149 3.67 -1.82 0.38
N GLY B 150 3.33 -2.98 -0.18
CA GLY B 150 2.46 -3.95 0.49
C GLY B 150 3.22 -5.20 0.88
N ILE B 151 2.69 -5.91 1.85
CA ILE B 151 3.25 -7.22 2.30
C ILE B 151 3.01 -8.25 1.21
N ALA B 152 4.04 -9.01 0.86
CA ALA B 152 3.95 -10.05 -0.17
C ALA B 152 4.07 -11.43 0.46
N GLN B 153 3.67 -12.43 -0.32
CA GLN B 153 3.66 -13.84 0.11
C GLN B 153 5.11 -14.34 0.24
#